data_4R7A
#
_entry.id   4R7A
#
_cell.length_a   50.630
_cell.length_b   87.550
_cell.length_c   95.840
_cell.angle_alpha   90.000
_cell.angle_beta   90.000
_cell.angle_gamma   90.000
#
_symmetry.space_group_name_H-M   'P 21 21 21'
#
loop_
_entity.id
_entity.type
_entity.pdbx_description
1 polymer 'PHD finger protein 6'
2 polymer 'Histone-binding protein RBBP4'
3 non-polymer GLYCEROL
4 water water
#
loop_
_entity_poly.entity_id
_entity_poly.type
_entity_poly.pdbx_seq_one_letter_code
_entity_poly.pdbx_strand_id
1 'polypeptide(L)' KSKKKSRKGRPRKTN A
2 'polypeptide(L)'
;MADKEAAFDDAVEERVINEEYKIWKKNTPFLYDLVMTHALEWPSLTAQWLPDVTRPEGKDFSIHRLVLGTHTSDEQNHLV
IASVQLPNDDAQFDASHYDSEKGEFGGFGSVSGKIEIEIKINHEGEVNRARYMPQNPCIIATKTPSSDVLVFDYTKHPSK
PDPSGECNPDLRLRGHQKEGYGLSWNPNLSGHLLSASDDHTICLWDISAVPKEGKVVDAKTIFTGHTAVVEDVSWHLLHE
SLFGSVADDQKLMIWDTRSNNTSKPSHSVDAHTAEVNCLSFNPYSEFILATGSADKTVALWDLRNLKLKLHSFESHKDEI
FQVQWSPHNETILASSGTDRRLNVWDLSKIGEEQSPEDAEDGPPELLFIHGGHTAKISDFSWNPNEPWVICSVSEDNIMQ
VWQMAENIYNDEDPEGSVDPEGQGS
;
B
#
loop_
_chem_comp.id
_chem_comp.type
_chem_comp.name
_chem_comp.formula
GOL non-polymer GLYCEROL 'C3 H8 O3'
#
# COMPACT_ATOMS: atom_id res chain seq x y z
N SER A 6 -7.78 9.07 14.97
CA SER A 6 -8.28 8.47 13.70
C SER A 6 -7.37 7.32 13.24
N ARG A 7 -7.08 7.29 11.96
CA ARG A 7 -6.21 6.28 11.40
C ARG A 7 -4.74 6.49 11.78
N LYS A 8 -4.32 7.74 11.91
CA LYS A 8 -2.94 8.06 12.20
C LYS A 8 -2.72 8.24 13.69
N GLY A 9 -1.57 7.79 14.18
CA GLY A 9 -1.17 7.97 15.56
C GLY A 9 -0.33 9.21 15.73
N ARG A 10 0.17 9.43 16.94
CA ARG A 10 1.01 10.57 17.24
C ARG A 10 2.47 10.13 17.06
N PRO A 11 3.19 10.70 16.08
CA PRO A 11 4.54 10.25 15.75
C PRO A 11 5.60 10.87 16.65
N ARG A 12 6.71 10.15 16.86
CA ARG A 12 7.85 10.69 17.57
C ARG A 12 9.17 10.42 16.85
N LYS A 13 10.08 11.39 16.92
CA LYS A 13 11.38 11.34 16.25
C LYS A 13 12.31 10.38 17.02
N THR A 14 13.26 9.75 16.32
CA THR A 14 14.16 8.79 16.98
C THR A 14 15.30 9.47 17.75
N ARG B 15 3.69 -6.19 27.27
CA ARG B 15 3.02 -7.19 28.15
C ARG B 15 3.00 -8.57 27.47
N VAL B 16 1.87 -8.94 26.86
CA VAL B 16 1.84 -10.04 25.90
C VAL B 16 2.70 -9.71 24.67
N ILE B 17 2.85 -8.42 24.38
CA ILE B 17 3.74 -7.95 23.31
C ILE B 17 5.18 -8.36 23.59
N ASN B 18 5.66 -8.06 24.80
CA ASN B 18 7.04 -8.41 25.16
C ASN B 18 7.32 -9.92 25.10
N GLU B 19 6.37 -10.73 25.58
CA GLU B 19 6.55 -12.20 25.59
C GLU B 19 6.50 -12.76 24.17
N GLU B 20 5.47 -12.38 23.41
CA GLU B 20 5.35 -12.84 22.02
C GLU B 20 6.54 -12.39 21.17
N TYR B 21 7.07 -11.20 21.46
CA TYR B 21 8.28 -10.73 20.81
C TYR B 21 9.50 -11.58 21.19
N LYS B 22 9.56 -12.01 22.46
CA LYS B 22 10.65 -12.85 22.93
C LYS B 22 10.64 -14.20 22.22
N ILE B 23 9.46 -14.81 22.07
CA ILE B 23 9.31 -16.06 21.33
C ILE B 23 9.72 -15.88 19.87
N TRP B 24 9.25 -14.79 19.26
CA TRP B 24 9.63 -14.43 17.90
C TRP B 24 11.14 -14.32 17.74
N LYS B 25 11.78 -13.52 18.60
CA LYS B 25 13.23 -13.39 18.60
C LYS B 25 13.89 -14.76 18.67
N LYS B 26 13.40 -15.60 19.57
CA LYS B 26 14.02 -16.92 19.77
C LYS B 26 14.03 -17.74 18.49
N ASN B 27 12.90 -17.76 17.79
CA ASN B 27 12.73 -18.60 16.62
C ASN B 27 13.12 -17.94 15.30
N THR B 28 13.48 -16.65 15.37
CA THR B 28 13.89 -15.90 14.17
C THR B 28 14.90 -16.63 13.27
N PRO B 29 15.93 -17.27 13.85
CA PRO B 29 16.91 -17.92 12.97
C PRO B 29 16.33 -19.02 12.09
N PHE B 30 15.24 -19.63 12.53
CA PHE B 30 14.59 -20.68 11.76
C PHE B 30 13.44 -20.16 10.91
N LEU B 31 12.88 -19.01 11.26
CA LEU B 31 11.70 -18.50 10.57
C LEU B 31 12.05 -17.66 9.34
N TYR B 32 13.29 -17.18 9.25
CA TYR B 32 13.70 -16.22 8.22
C TYR B 32 14.99 -16.59 7.51
N ASP B 33 15.05 -16.30 6.21
CA ASP B 33 16.30 -16.24 5.47
C ASP B 33 16.91 -14.83 5.50
N LEU B 34 16.08 -13.84 5.83
CA LEU B 34 16.53 -12.46 5.95
C LEU B 34 15.61 -11.67 6.89
N VAL B 35 16.20 -10.95 7.82
CA VAL B 35 15.48 -9.93 8.60
C VAL B 35 16.40 -8.75 8.82
N MET B 36 16.07 -7.61 8.23
CA MET B 36 16.81 -6.36 8.39
C MET B 36 15.88 -5.35 9.06
N THR B 37 16.40 -4.66 10.07
CA THR B 37 15.59 -3.73 10.86
C THR B 37 16.29 -2.38 10.88
N HIS B 38 15.52 -1.33 10.59
CA HIS B 38 16.04 0.03 10.51
C HIS B 38 15.03 1.00 11.11
N ALA B 39 15.51 1.87 11.99
CA ALA B 39 14.66 2.91 12.58
C ALA B 39 14.80 4.18 11.77
N LEU B 40 13.74 4.56 11.09
CA LEU B 40 13.69 5.84 10.38
C LEU B 40 13.61 6.98 11.37
N GLU B 41 14.06 8.17 10.97
CA GLU B 41 14.02 9.36 11.81
C GLU B 41 12.61 9.63 12.31
N TRP B 42 11.66 9.63 11.38
CA TRP B 42 10.24 9.76 11.65
C TRP B 42 9.57 8.53 11.03
N PRO B 43 8.38 8.16 11.50
CA PRO B 43 7.74 7.02 10.88
C PRO B 43 7.27 7.31 9.46
N SER B 44 7.21 6.25 8.65
CA SER B 44 6.57 6.35 7.33
C SER B 44 5.19 5.69 7.38
N LEU B 45 4.21 6.39 6.83
CA LEU B 45 2.89 5.83 6.65
C LEU B 45 2.76 4.98 5.38
N THR B 46 3.79 4.99 4.56
CA THR B 46 3.71 4.41 3.21
C THR B 46 5.00 3.67 2.86
N ALA B 47 4.86 2.64 2.04
CA ALA B 47 6.02 1.92 1.52
C ALA B 47 5.71 1.30 0.18
N GLN B 48 6.63 1.46 -0.77
CA GLN B 48 6.50 0.84 -2.08
C GLN B 48 7.88 0.66 -2.71
N TRP B 49 8.20 -0.57 -3.10
CA TRP B 49 9.44 -0.81 -3.83
C TRP B 49 9.32 -0.18 -5.20
N LEU B 50 10.35 0.53 -5.64
CA LEU B 50 10.46 0.96 -7.03
C LEU B 50 10.82 -0.26 -7.85
N PRO B 51 10.46 -0.28 -9.14
CA PRO B 51 10.60 -1.52 -9.90
C PRO B 51 12.02 -1.85 -10.37
N ASP B 52 12.96 -0.91 -10.17
CA ASP B 52 14.34 -1.07 -10.67
C ASP B 52 15.27 -1.76 -9.66
N VAL B 53 16.20 -2.55 -10.20
CA VAL B 53 17.24 -3.16 -9.40
C VAL B 53 18.55 -3.08 -10.18
N THR B 54 19.62 -2.71 -9.50
CA THR B 54 20.95 -2.72 -10.09
C THR B 54 21.77 -3.82 -9.42
N ARG B 55 22.42 -4.63 -10.26
CA ARG B 55 23.14 -5.83 -9.83
C ARG B 55 24.61 -5.73 -10.27
N PRO B 56 25.43 -4.96 -9.55
CA PRO B 56 26.85 -4.79 -9.92
C PRO B 56 27.59 -6.12 -10.13
N GLU B 57 28.45 -6.18 -11.15
CA GLU B 57 29.15 -7.44 -11.51
C GLU B 57 30.18 -7.90 -10.46
N GLY B 58 30.77 -6.96 -9.74
CA GLY B 58 31.80 -7.29 -8.75
C GLY B 58 31.35 -7.08 -7.32
N LYS B 59 30.13 -7.53 -7.01
CA LYS B 59 29.56 -7.36 -5.68
C LYS B 59 28.63 -8.51 -5.33
N ASP B 60 28.53 -8.82 -4.04
CA ASP B 60 27.68 -9.91 -3.56
C ASP B 60 26.27 -9.42 -3.15
N PHE B 61 25.90 -8.24 -3.62
CA PHE B 61 24.59 -7.67 -3.33
C PHE B 61 24.03 -6.91 -4.53
N SER B 62 22.73 -6.64 -4.47
CA SER B 62 22.06 -5.79 -5.45
C SER B 62 21.42 -4.61 -4.71
N ILE B 63 21.13 -3.54 -5.44
CA ILE B 63 20.59 -2.32 -4.85
C ILE B 63 19.15 -2.20 -5.32
N HIS B 64 18.25 -2.10 -4.35
CA HIS B 64 16.84 -1.89 -4.59
C HIS B 64 16.46 -0.55 -3.97
N ARG B 65 15.33 0.01 -4.40
CA ARG B 65 14.89 1.29 -3.87
C ARG B 65 13.44 1.26 -3.40
N LEU B 66 13.16 2.09 -2.41
CA LEU B 66 11.85 2.21 -1.79
C LEU B 66 11.35 3.66 -1.83
N VAL B 67 10.06 3.83 -2.11
CA VAL B 67 9.38 5.08 -1.92
C VAL B 67 8.78 5.06 -0.50
N LEU B 68 9.19 6.04 0.29
CA LEU B 68 8.76 6.20 1.67
C LEU B 68 8.29 7.63 1.87
N GLY B 69 7.76 7.90 3.06
CA GLY B 69 7.46 9.27 3.46
C GLY B 69 7.80 9.50 4.92
N THR B 70 7.58 10.73 5.37
CA THR B 70 7.66 11.07 6.80
C THR B 70 6.27 11.32 7.34
N HIS B 71 6.17 11.24 8.66
CA HIS B 71 4.99 11.64 9.40
C HIS B 71 5.56 12.29 10.66
N THR B 72 5.53 13.62 10.70
CA THR B 72 6.14 14.35 11.79
C THR B 72 5.11 15.03 12.68
N SER B 73 5.58 15.53 13.80
CA SER B 73 4.85 16.52 14.57
C SER B 73 5.76 17.73 14.66
N ASP B 74 5.31 18.87 14.15
CA ASP B 74 6.07 20.11 14.26
C ASP B 74 7.46 20.04 13.61
N GLU B 75 7.55 19.46 12.43
CA GLU B 75 8.80 19.43 11.69
C GLU B 75 8.51 19.22 10.19
N GLN B 76 9.43 19.64 9.33
CA GLN B 76 9.24 19.53 7.89
C GLN B 76 9.12 18.06 7.50
N ASN B 77 8.11 17.75 6.69
CA ASN B 77 7.92 16.41 6.14
C ASN B 77 8.60 16.32 4.80
N HIS B 78 8.88 15.09 4.39
CA HIS B 78 9.51 14.86 3.11
C HIS B 78 8.97 13.62 2.43
N LEU B 79 8.90 13.67 1.10
CA LEU B 79 8.81 12.47 0.28
C LEU B 79 10.22 11.90 0.16
N VAL B 80 10.37 10.59 0.34
CA VAL B 80 11.68 9.97 0.48
C VAL B 80 11.91 8.81 -0.49
N ILE B 81 13.09 8.77 -1.08
CA ILE B 81 13.57 7.57 -1.79
C ILE B 81 14.78 7.04 -1.05
N ALA B 82 14.72 5.78 -0.65
CA ALA B 82 15.80 5.12 0.07
C ALA B 82 16.29 3.96 -0.75
N SER B 83 17.56 3.61 -0.57
CA SER B 83 18.15 2.44 -1.20
C SER B 83 18.36 1.37 -0.15
N VAL B 84 18.31 0.11 -0.58
CA VAL B 84 18.49 -1.06 0.25
C VAL B 84 19.42 -2.02 -0.48
N GLN B 85 20.48 -2.47 0.20
CA GLN B 85 21.32 -3.53 -0.33
C GLN B 85 20.77 -4.87 0.11
N LEU B 86 20.48 -5.73 -0.86
CA LEU B 86 20.02 -7.09 -0.58
C LEU B 86 21.05 -8.11 -1.08
N PRO B 87 21.31 -9.17 -0.29
CA PRO B 87 22.23 -10.23 -0.71
C PRO B 87 21.77 -10.95 -1.97
N ASN B 88 22.74 -11.44 -2.75
CA ASN B 88 22.47 -12.14 -4.00
C ASN B 88 22.07 -13.60 -3.80
N LYS B 114 22.65 -2.70 4.05
CA LYS B 114 22.64 -1.29 4.40
C LYS B 114 21.47 -0.56 3.74
N ILE B 115 20.92 0.41 4.47
CA ILE B 115 19.77 1.20 4.01
C ILE B 115 20.11 2.68 4.12
N GLU B 116 20.03 3.41 3.01
CA GLU B 116 20.43 4.82 2.98
C GLU B 116 19.40 5.71 2.24
N ILE B 117 19.24 6.93 2.73
CA ILE B 117 18.31 7.89 2.13
C ILE B 117 18.97 8.59 0.97
N GLU B 118 18.41 8.44 -0.23
CA GLU B 118 19.03 8.98 -1.43
C GLU B 118 18.45 10.35 -1.78
N ILE B 119 17.14 10.48 -1.63
CA ILE B 119 16.43 11.69 -2.02
C ILE B 119 15.40 12.04 -0.93
N LYS B 120 15.32 13.31 -0.58
CA LYS B 120 14.26 13.85 0.25
C LYS B 120 13.71 15.12 -0.42
N ILE B 121 12.41 15.13 -0.68
CA ILE B 121 11.73 16.25 -1.33
C ILE B 121 10.73 16.88 -0.34
N ASN B 122 10.79 18.19 -0.16
CA ASN B 122 9.88 18.90 0.74
C ASN B 122 8.44 18.55 0.41
N HIS B 123 7.68 18.20 1.45
CA HIS B 123 6.31 17.79 1.30
C HIS B 123 5.47 18.52 2.34
N GLU B 124 4.32 19.05 1.92
CA GLU B 124 3.46 19.79 2.84
C GLU B 124 2.59 18.83 3.63
N GLY B 125 2.93 18.64 4.90
CA GLY B 125 2.24 17.69 5.75
C GLY B 125 2.80 16.29 5.56
N GLU B 126 2.30 15.36 6.36
CA GLU B 126 2.72 13.96 6.28
C GLU B 126 2.28 13.33 4.95
N VAL B 127 3.04 12.32 4.51
CA VAL B 127 2.73 11.57 3.30
C VAL B 127 1.81 10.41 3.66
N ASN B 128 0.50 10.59 3.42
CA ASN B 128 -0.48 9.55 3.72
C ASN B 128 -0.21 8.28 2.90
N ARG B 129 0.19 8.47 1.64
CA ARG B 129 0.44 7.40 0.68
C ARG B 129 1.26 7.98 -0.47
N ALA B 130 2.20 7.19 -0.99
CA ALA B 130 2.95 7.61 -2.18
C ALA B 130 3.07 6.42 -3.11
N ARG B 131 2.77 6.66 -4.39
CA ARG B 131 2.79 5.58 -5.39
C ARG B 131 3.42 6.05 -6.70
N TYR B 132 4.33 5.23 -7.25
CA TYR B 132 4.99 5.58 -8.53
C TYR B 132 4.11 5.21 -9.73
N MET B 133 4.27 5.93 -10.83
CA MET B 133 3.56 5.67 -12.07
C MET B 133 4.28 4.56 -12.85
N PRO B 134 3.57 3.45 -13.17
CA PRO B 134 4.20 2.32 -13.86
C PRO B 134 4.90 2.71 -15.18
N GLN B 135 4.30 3.62 -15.93
CA GLN B 135 4.83 4.02 -17.23
C GLN B 135 6.03 4.98 -17.13
N ASN B 136 6.24 5.55 -15.94
CA ASN B 136 7.41 6.38 -15.69
C ASN B 136 7.61 6.49 -14.18
N PRO B 137 8.36 5.53 -13.61
CA PRO B 137 8.48 5.47 -12.14
C PRO B 137 9.22 6.64 -11.47
N CYS B 138 9.72 7.60 -12.26
CA CYS B 138 10.22 8.87 -11.72
C CYS B 138 9.07 9.77 -11.25
N ILE B 139 7.84 9.48 -11.70
CA ILE B 139 6.64 10.22 -11.32
C ILE B 139 5.96 9.57 -10.13
N ILE B 140 5.78 10.34 -9.06
CA ILE B 140 5.22 9.80 -7.83
C ILE B 140 4.05 10.68 -7.40
N ALA B 141 2.90 10.07 -7.19
CA ALA B 141 1.77 10.79 -6.61
C ALA B 141 1.78 10.59 -5.10
N THR B 142 1.36 11.63 -4.37
CA THR B 142 1.23 11.55 -2.92
C THR B 142 -0.13 12.08 -2.47
N LYS B 143 -0.60 11.51 -1.36
CA LYS B 143 -1.78 12.00 -0.64
C LYS B 143 -1.28 12.77 0.56
N THR B 144 -1.82 13.97 0.78
CA THR B 144 -1.43 14.86 1.90
C THR B 144 -2.54 14.88 2.95
N PRO B 145 -2.30 15.52 4.11
CA PRO B 145 -3.37 15.74 5.09
C PRO B 145 -4.38 16.82 4.71
N SER B 146 -4.19 17.48 3.57
CA SER B 146 -5.21 18.38 3.03
C SER B 146 -5.83 17.74 1.77
N SER B 147 -6.61 18.51 1.03
CA SER B 147 -7.39 17.91 -0.06
C SER B 147 -6.57 17.66 -1.33
N ASP B 148 -5.54 18.46 -1.57
CA ASP B 148 -4.80 18.37 -2.83
C ASP B 148 -4.01 17.07 -2.93
N VAL B 149 -4.04 16.43 -4.09
CA VAL B 149 -3.19 15.28 -4.36
C VAL B 149 -2.02 15.85 -5.16
N LEU B 150 -0.81 15.43 -4.82
CA LEU B 150 0.41 16.00 -5.41
C LEU B 150 1.10 15.02 -6.33
N VAL B 151 1.77 15.56 -7.36
CA VAL B 151 2.61 14.77 -8.24
C VAL B 151 4.00 15.40 -8.31
N PHE B 152 5.02 14.56 -8.12
CA PHE B 152 6.42 14.97 -8.22
C PHE B 152 7.12 14.10 -9.25
N ASP B 153 7.94 14.72 -10.09
CA ASP B 153 8.89 13.98 -10.91
C ASP B 153 10.21 14.19 -10.18
N TYR B 154 10.76 13.14 -9.58
CA TYR B 154 11.90 13.35 -8.69
C TYR B 154 13.18 13.72 -9.42
N THR B 155 13.21 13.58 -10.75
CA THR B 155 14.38 14.00 -11.53
C THR B 155 14.45 15.51 -11.70
N LYS B 156 13.37 16.20 -11.36
CA LYS B 156 13.28 17.66 -11.48
C LYS B 156 13.41 18.35 -10.13
N HIS B 157 13.80 17.60 -9.11
CA HIS B 157 14.05 18.15 -7.78
C HIS B 157 15.47 17.82 -7.34
N PRO B 158 16.07 18.65 -6.49
CA PRO B 158 17.36 18.28 -5.93
C PRO B 158 17.23 17.05 -5.01
N SER B 159 18.32 16.33 -4.81
CA SER B 159 18.32 15.19 -3.91
C SER B 159 18.35 15.68 -2.46
N LYS B 160 18.95 16.85 -2.23
CA LYS B 160 18.93 17.52 -0.94
C LYS B 160 17.84 18.60 -0.96
N PRO B 161 16.90 18.58 0.01
CA PRO B 161 15.81 19.56 0.00
C PRO B 161 16.26 20.96 0.41
N ASP B 162 15.63 22.01 -0.14
CA ASP B 162 15.91 23.39 0.31
C ASP B 162 15.39 23.55 1.72
N PRO B 163 16.22 24.09 2.64
CA PRO B 163 15.78 24.25 4.03
C PRO B 163 14.64 25.26 4.22
N SER B 164 14.35 26.06 3.20
CA SER B 164 13.15 26.92 3.19
C SER B 164 11.87 26.13 3.39
N GLY B 165 11.87 24.85 2.98
CA GLY B 165 10.76 23.97 3.21
C GLY B 165 9.58 24.14 2.26
N GLU B 166 9.73 24.94 1.19
CA GLU B 166 8.65 25.10 0.22
C GLU B 166 8.34 23.76 -0.45
N CYS B 167 7.07 23.38 -0.42
CA CYS B 167 6.57 22.25 -1.18
C CYS B 167 6.22 22.76 -2.57
N ASN B 168 6.98 22.31 -3.56
CA ASN B 168 6.83 22.80 -4.92
C ASN B 168 6.54 21.62 -5.84
N PRO B 169 5.34 21.03 -5.72
CA PRO B 169 5.04 19.87 -6.53
C PRO B 169 4.94 20.23 -8.02
N ASP B 170 5.20 19.25 -8.87
CA ASP B 170 5.09 19.45 -10.32
C ASP B 170 3.63 19.69 -10.70
N LEU B 171 2.71 18.94 -10.08
CA LEU B 171 1.28 19.17 -10.22
C LEU B 171 0.58 19.09 -8.88
N ARG B 172 -0.47 19.90 -8.74
CA ARG B 172 -1.46 19.77 -7.67
C ARG B 172 -2.78 19.35 -8.33
N LEU B 173 -3.32 18.22 -7.89
CA LEU B 173 -4.55 17.64 -8.46
C LEU B 173 -5.75 17.96 -7.55
N ARG B 174 -6.67 18.75 -8.08
CA ARG B 174 -7.81 19.25 -7.31
C ARG B 174 -9.06 18.46 -7.60
N GLY B 175 -9.97 18.47 -6.63
CA GLY B 175 -11.23 17.74 -6.76
C GLY B 175 -11.78 17.26 -5.43
N HIS B 176 -10.90 16.92 -4.49
CA HIS B 176 -11.34 16.47 -3.17
C HIS B 176 -11.56 17.64 -2.22
N GLN B 177 -12.33 17.38 -1.16
CA GLN B 177 -12.54 18.33 -0.07
C GLN B 177 -11.81 17.93 1.22
N LYS B 178 -11.33 16.69 1.28
CA LYS B 178 -10.64 16.19 2.46
C LYS B 178 -9.48 15.28 2.07
N GLU B 179 -8.62 14.99 3.05
CA GLU B 179 -7.54 14.02 2.86
C GLU B 179 -8.06 12.62 2.60
N GLY B 180 -7.17 11.74 2.15
CA GLY B 180 -7.52 10.34 1.99
C GLY B 180 -6.29 9.47 1.94
N TYR B 181 -6.50 8.19 1.62
CA TYR B 181 -5.42 7.23 1.50
C TYR B 181 -5.32 6.61 0.12
N GLY B 182 -6.40 6.01 -0.37
CA GLY B 182 -6.37 5.29 -1.64
C GLY B 182 -5.79 6.08 -2.81
N LEU B 183 -4.93 5.41 -3.58
CA LEU B 183 -4.22 6.03 -4.67
C LEU B 183 -3.80 4.94 -5.63
N SER B 184 -4.14 5.08 -6.91
CA SER B 184 -3.83 4.06 -7.88
C SER B 184 -3.64 4.63 -9.29
N TRP B 185 -2.50 4.33 -9.89
CA TRP B 185 -2.23 4.66 -11.31
C TRP B 185 -2.70 3.54 -12.22
N ASN B 186 -3.27 3.91 -13.36
CA ASN B 186 -3.72 2.94 -14.34
C ASN B 186 -2.53 2.37 -15.11
N PRO B 187 -2.33 1.04 -15.08
CA PRO B 187 -1.15 0.50 -15.77
C PRO B 187 -1.32 0.37 -17.30
N ASN B 188 -2.52 0.68 -17.80
CA ASN B 188 -2.82 0.59 -19.22
C ASN B 188 -3.15 1.92 -19.89
N LEU B 189 -3.31 2.96 -19.08
CA LEU B 189 -3.61 4.31 -19.55
C LEU B 189 -2.68 5.26 -18.82
N SER B 190 -1.63 5.68 -19.48
CA SER B 190 -0.59 6.47 -18.84
C SER B 190 -1.16 7.80 -18.29
N GLY B 191 -0.88 8.05 -17.01
CA GLY B 191 -1.24 9.33 -16.39
C GLY B 191 -2.66 9.38 -15.87
N HIS B 192 -3.36 8.24 -15.86
CA HIS B 192 -4.70 8.18 -15.27
C HIS B 192 -4.57 7.70 -13.82
N LEU B 193 -4.94 8.57 -12.91
CA LEU B 193 -4.75 8.36 -11.49
C LEU B 193 -6.09 8.43 -10.76
N LEU B 194 -6.35 7.44 -9.91
CA LEU B 194 -7.49 7.44 -8.99
C LEU B 194 -7.05 7.77 -7.59
N SER B 195 -7.96 8.39 -6.84
CA SER B 195 -7.73 8.77 -5.46
C SER B 195 -9.02 8.61 -4.65
N ALA B 196 -8.88 8.12 -3.42
CA ALA B 196 -10.01 7.92 -2.50
C ALA B 196 -9.88 8.93 -1.37
N SER B 197 -11.02 9.45 -0.91
CA SER B 197 -11.00 10.51 0.09
C SER B 197 -12.03 10.31 1.20
N ASP B 198 -11.70 10.90 2.36
CA ASP B 198 -12.60 10.99 3.50
C ASP B 198 -13.84 11.84 3.18
N ASP B 199 -13.84 12.55 2.04
CA ASP B 199 -15.01 13.29 1.56
C ASP B 199 -16.08 12.41 0.87
N HIS B 200 -15.92 11.09 0.95
CA HIS B 200 -16.85 10.12 0.38
C HIS B 200 -16.73 9.97 -1.15
N THR B 201 -15.77 10.61 -1.79
CA THR B 201 -15.66 10.53 -3.25
C THR B 201 -14.38 9.86 -3.72
N ILE B 202 -14.41 9.45 -4.98
CA ILE B 202 -13.25 8.99 -5.71
C ILE B 202 -13.04 10.01 -6.84
N CYS B 203 -11.82 10.52 -6.97
CA CYS B 203 -11.47 11.40 -8.08
C CYS B 203 -10.57 10.68 -9.08
N LEU B 204 -10.73 11.01 -10.35
CA LEU B 204 -9.86 10.53 -11.41
C LEU B 204 -9.27 11.75 -12.13
N TRP B 205 -7.95 11.74 -12.33
CA TRP B 205 -7.28 12.73 -13.16
C TRP B 205 -6.59 12.04 -14.33
N ASP B 206 -6.50 12.75 -15.45
CA ASP B 206 -5.65 12.38 -16.57
C ASP B 206 -4.59 13.48 -16.73
N ILE B 207 -3.36 13.17 -16.35
CA ILE B 207 -2.28 14.16 -16.39
C ILE B 207 -1.41 14.03 -17.64
N SER B 208 -1.82 13.20 -18.61
CA SER B 208 -0.99 12.93 -19.79
C SER B 208 -0.81 14.08 -20.79
N ALA B 209 -1.69 15.08 -20.75
CA ALA B 209 -1.63 16.18 -21.73
C ALA B 209 -1.64 17.56 -21.06
N VAL B 210 -1.13 17.62 -19.84
CA VAL B 210 -1.05 18.91 -19.12
C VAL B 210 -0.01 19.79 -19.80
N PRO B 211 -0.32 21.07 -20.01
CA PRO B 211 0.71 21.95 -20.56
C PRO B 211 1.99 21.95 -19.71
N LYS B 212 3.14 22.09 -20.37
CA LYS B 212 4.44 22.10 -19.69
C LYS B 212 4.48 23.01 -18.45
N GLU B 213 3.92 24.22 -18.56
CA GLU B 213 3.93 25.16 -17.41
C GLU B 213 2.64 25.12 -16.56
N GLY B 214 1.74 24.19 -16.88
CA GLY B 214 0.55 23.97 -16.04
C GLY B 214 0.92 23.29 -14.74
N LYS B 215 0.43 23.79 -13.61
CA LYS B 215 0.73 23.22 -12.29
C LYS B 215 -0.47 22.70 -11.51
N VAL B 216 -1.67 22.86 -12.06
CA VAL B 216 -2.90 22.41 -11.42
C VAL B 216 -3.77 21.64 -12.42
N VAL B 217 -4.33 20.52 -11.97
CA VAL B 217 -5.20 19.71 -12.81
C VAL B 217 -6.52 19.47 -12.06
N ASP B 218 -7.64 19.81 -12.69
CA ASP B 218 -8.96 19.53 -12.14
C ASP B 218 -9.34 18.10 -12.45
N ALA B 219 -10.13 17.49 -11.57
CA ALA B 219 -10.54 16.10 -11.75
C ALA B 219 -11.33 15.95 -13.04
N LYS B 220 -11.01 14.90 -13.79
CA LYS B 220 -11.77 14.55 -14.99
C LYS B 220 -13.15 14.01 -14.61
N THR B 221 -13.19 13.17 -13.57
CA THR B 221 -14.41 12.50 -13.17
C THR B 221 -14.39 12.34 -11.66
N ILE B 222 -15.56 12.52 -11.03
CA ILE B 222 -15.71 12.28 -9.61
C ILE B 222 -16.84 11.26 -9.42
N PHE B 223 -16.56 10.19 -8.67
CA PHE B 223 -17.50 9.08 -8.53
C PHE B 223 -18.07 9.14 -7.12
N THR B 224 -19.39 9.09 -7.01
CA THR B 224 -20.11 9.42 -5.77
C THR B 224 -20.98 8.29 -5.22
N GLY B 225 -20.68 7.03 -5.57
CA GLY B 225 -21.50 5.90 -5.14
C GLY B 225 -21.46 5.61 -3.65
N HIS B 226 -20.33 5.85 -2.99
CA HIS B 226 -20.21 5.53 -1.57
C HIS B 226 -20.93 6.59 -0.74
N THR B 227 -21.37 6.20 0.46
CA THR B 227 -22.08 7.09 1.37
C THR B 227 -21.28 7.36 2.64
N ALA B 228 -20.00 7.00 2.60
CA ALA B 228 -19.09 7.19 3.74
C ALA B 228 -17.69 7.40 3.21
N VAL B 229 -16.75 7.62 4.13
CA VAL B 229 -15.32 7.71 3.82
C VAL B 229 -14.91 6.57 2.87
N VAL B 230 -14.31 6.94 1.74
CA VAL B 230 -13.74 5.94 0.82
C VAL B 230 -12.29 5.70 1.22
N GLU B 231 -11.96 4.45 1.55
CA GLU B 231 -10.67 4.12 2.15
C GLU B 231 -9.62 3.74 1.12
N ASP B 232 -10.01 2.98 0.10
CA ASP B 232 -9.04 2.52 -0.90
C ASP B 232 -9.65 2.47 -2.28
N VAL B 233 -8.78 2.54 -3.29
CA VAL B 233 -9.19 2.41 -4.69
C VAL B 233 -8.06 1.71 -5.45
N SER B 234 -8.39 0.90 -6.45
CA SER B 234 -7.37 0.19 -7.24
C SER B 234 -7.88 -0.14 -8.64
N TRP B 235 -7.04 0.12 -9.63
CA TRP B 235 -7.33 -0.29 -10.99
C TRP B 235 -7.12 -1.79 -11.15
N HIS B 236 -7.89 -2.40 -12.05
CA HIS B 236 -7.63 -3.75 -12.55
C HIS B 236 -6.30 -3.75 -13.33
N LEU B 237 -5.63 -4.90 -13.40
CA LEU B 237 -4.35 -4.97 -14.12
C LEU B 237 -4.55 -5.02 -15.63
N LEU B 238 -5.65 -5.59 -16.07
CA LEU B 238 -5.89 -5.87 -17.50
C LEU B 238 -6.94 -5.00 -18.18
N HIS B 239 -8.05 -4.72 -17.48
CA HIS B 239 -9.14 -3.98 -18.07
C HIS B 239 -8.95 -2.51 -17.71
N GLU B 240 -8.60 -1.72 -18.73
CA GLU B 240 -8.27 -0.30 -18.59
C GLU B 240 -9.39 0.56 -18.01
N SER B 241 -10.64 0.09 -18.12
CA SER B 241 -11.80 0.81 -17.63
C SER B 241 -12.40 0.32 -16.30
N LEU B 242 -11.77 -0.69 -15.68
CA LEU B 242 -12.31 -1.28 -14.46
C LEU B 242 -11.46 -0.90 -13.26
N PHE B 243 -12.12 -0.38 -12.23
CA PHE B 243 -11.47 -0.22 -10.95
C PHE B 243 -12.43 -0.55 -9.82
N GLY B 244 -11.84 -0.84 -8.66
CA GLY B 244 -12.59 -1.14 -7.46
C GLY B 244 -12.37 -0.10 -6.38
N SER B 245 -13.37 0.09 -5.53
CA SER B 245 -13.28 0.96 -4.38
C SER B 245 -13.89 0.29 -3.16
N VAL B 246 -13.38 0.65 -1.99
CA VAL B 246 -13.90 0.14 -0.72
C VAL B 246 -14.03 1.29 0.26
N ALA B 247 -15.00 1.18 1.17
CA ALA B 247 -15.36 2.32 2.01
C ALA B 247 -15.89 1.92 3.38
N ASP B 248 -16.05 2.93 4.23
CA ASP B 248 -16.57 2.77 5.58
C ASP B 248 -18.05 2.42 5.60
N ASP B 249 -18.71 2.46 4.43
CA ASP B 249 -20.10 2.00 4.30
C ASP B 249 -20.21 0.48 4.20
N GLN B 250 -19.07 -0.21 4.31
CA GLN B 250 -18.98 -1.68 4.36
C GLN B 250 -19.04 -2.31 2.98
N LYS B 251 -18.99 -1.48 1.93
CA LYS B 251 -19.16 -1.96 0.57
C LYS B 251 -17.87 -2.00 -0.25
N LEU B 252 -17.86 -2.96 -1.16
CA LEU B 252 -16.93 -3.02 -2.29
C LEU B 252 -17.75 -2.61 -3.51
N MET B 253 -17.21 -1.70 -4.30
CA MET B 253 -17.86 -1.26 -5.54
C MET B 253 -16.90 -1.46 -6.70
N ILE B 254 -17.45 -1.92 -7.82
CA ILE B 254 -16.72 -2.13 -9.06
C ILE B 254 -17.26 -1.15 -10.08
N TRP B 255 -16.36 -0.37 -10.66
CA TRP B 255 -16.71 0.76 -11.52
C TRP B 255 -16.22 0.58 -12.95
N ASP B 256 -17.03 1.06 -13.89
CA ASP B 256 -16.71 1.08 -15.32
C ASP B 256 -16.57 2.54 -15.72
N THR B 257 -15.36 2.97 -16.07
CA THR B 257 -15.13 4.38 -16.41
C THR B 257 -15.82 4.80 -17.71
N ARG B 258 -16.25 3.82 -18.51
CA ARG B 258 -16.98 4.11 -19.75
C ARG B 258 -18.44 4.49 -19.49
N SER B 259 -18.96 4.20 -18.30
CA SER B 259 -20.33 4.57 -17.98
C SER B 259 -20.47 6.07 -17.74
N ASN B 260 -21.56 6.65 -18.22
CA ASN B 260 -21.85 8.07 -17.99
C ASN B 260 -22.47 8.34 -16.62
N ASN B 261 -22.90 7.29 -15.92
CA ASN B 261 -23.45 7.44 -14.57
C ASN B 261 -22.37 7.24 -13.50
N THR B 262 -21.90 8.34 -12.93
CA THR B 262 -20.82 8.29 -11.94
C THR B 262 -21.31 8.18 -10.50
N SER B 263 -22.63 8.07 -10.31
CA SER B 263 -23.19 7.91 -8.98
C SER B 263 -23.53 6.46 -8.68
N LYS B 264 -23.55 5.61 -9.69
CA LYS B 264 -23.94 4.21 -9.53
C LYS B 264 -22.87 3.31 -10.12
N PRO B 265 -22.29 2.41 -9.29
CA PRO B 265 -21.26 1.54 -9.83
C PRO B 265 -21.86 0.40 -10.65
N SER B 266 -21.01 -0.26 -11.42
CA SER B 266 -21.40 -1.48 -12.12
C SER B 266 -21.87 -2.56 -11.14
N HIS B 267 -21.17 -2.73 -10.03
CA HIS B 267 -21.59 -3.62 -8.93
C HIS B 267 -21.33 -2.99 -7.59
N SER B 268 -22.28 -3.18 -6.67
CA SER B 268 -22.14 -2.78 -5.29
C SER B 268 -22.36 -4.02 -4.42
N VAL B 269 -21.43 -4.26 -3.51
CA VAL B 269 -21.31 -5.51 -2.77
C VAL B 269 -21.23 -5.19 -1.28
N ASP B 270 -22.12 -5.75 -0.46
CA ASP B 270 -21.93 -5.73 1.00
C ASP B 270 -20.80 -6.71 1.34
N ALA B 271 -19.62 -6.17 1.57
CA ALA B 271 -18.41 -6.97 1.61
C ALA B 271 -18.06 -7.48 3.02
N HIS B 272 -18.34 -6.66 4.02
CA HIS B 272 -17.91 -6.91 5.39
C HIS B 272 -18.94 -6.39 6.37
N THR B 273 -18.74 -6.70 7.65
CA THR B 273 -19.65 -6.27 8.71
C THR B 273 -19.11 -5.02 9.41
N ALA B 274 -18.09 -4.39 8.81
CA ALA B 274 -17.50 -3.17 9.33
C ALA B 274 -16.73 -2.46 8.20
N GLU B 275 -16.03 -1.37 8.52
CA GLU B 275 -15.33 -0.56 7.50
C GLU B 275 -14.39 -1.43 6.66
N VAL B 276 -14.36 -1.18 5.35
CA VAL B 276 -13.43 -1.88 4.45
C VAL B 276 -12.31 -0.91 4.10
N ASN B 277 -11.08 -1.29 4.40
CA ASN B 277 -9.94 -0.37 4.33
C ASN B 277 -9.02 -0.52 3.12
N CYS B 278 -9.09 -1.66 2.46
CA CYS B 278 -8.13 -1.99 1.42
C CYS B 278 -8.64 -3.04 0.45
N LEU B 279 -8.08 -3.02 -0.75
CA LEU B 279 -8.34 -4.06 -1.74
C LEU B 279 -7.13 -4.26 -2.63
N SER B 280 -7.09 -5.41 -3.27
CA SER B 280 -6.00 -5.82 -4.13
C SER B 280 -6.56 -6.81 -5.14
N PHE B 281 -6.27 -6.55 -6.42
CA PHE B 281 -6.59 -7.48 -7.51
C PHE B 281 -5.44 -8.46 -7.72
N ASN B 282 -5.78 -9.73 -7.93
CA ASN B 282 -4.82 -10.78 -8.19
C ASN B 282 -4.18 -10.56 -9.57
N PRO B 283 -2.86 -10.44 -9.62
CA PRO B 283 -2.24 -10.13 -10.91
C PRO B 283 -2.08 -11.33 -11.85
N TYR B 284 -2.47 -12.52 -11.40
CA TYR B 284 -2.41 -13.74 -12.23
C TYR B 284 -3.78 -14.29 -12.58
N SER B 285 -4.78 -13.89 -11.82
CA SER B 285 -6.11 -14.43 -11.95
C SER B 285 -7.07 -13.25 -12.08
N GLU B 286 -7.41 -12.94 -13.33
CA GLU B 286 -8.14 -11.74 -13.72
C GLU B 286 -9.49 -11.49 -13.04
N PHE B 287 -10.14 -12.54 -12.54
CA PHE B 287 -11.46 -12.37 -11.90
C PHE B 287 -11.40 -12.25 -10.38
N ILE B 288 -10.21 -12.38 -9.80
CA ILE B 288 -10.07 -12.51 -8.35
C ILE B 288 -9.53 -11.23 -7.67
N LEU B 289 -10.11 -10.92 -6.51
CA LEU B 289 -9.59 -9.85 -5.68
C LEU B 289 -9.83 -10.14 -4.20
N ALA B 290 -9.21 -9.34 -3.35
CA ALA B 290 -9.31 -9.47 -1.90
C ALA B 290 -9.60 -8.12 -1.28
N THR B 291 -10.30 -8.13 -0.15
CA THR B 291 -10.54 -6.92 0.63
C THR B 291 -10.18 -7.17 2.09
N GLY B 292 -9.77 -6.13 2.79
CA GLY B 292 -9.44 -6.21 4.20
C GLY B 292 -10.27 -5.21 4.96
N SER B 293 -10.57 -5.53 6.22
CA SER B 293 -11.60 -4.81 6.94
C SER B 293 -11.31 -4.66 8.43
N ALA B 294 -12.00 -3.68 9.01
CA ALA B 294 -12.10 -3.52 10.46
C ALA B 294 -12.76 -4.71 11.13
N ASP B 295 -13.49 -5.54 10.38
CA ASP B 295 -14.05 -6.78 10.96
C ASP B 295 -13.01 -7.88 11.19
N LYS B 296 -11.73 -7.56 10.97
CA LYS B 296 -10.60 -8.43 11.24
C LYS B 296 -10.43 -9.58 10.24
N THR B 297 -11.12 -9.50 9.10
CA THR B 297 -11.05 -10.53 8.08
C THR B 297 -10.56 -9.97 6.75
N VAL B 298 -10.01 -10.88 5.94
CA VAL B 298 -9.80 -10.65 4.52
C VAL B 298 -10.83 -11.49 3.76
N ALA B 299 -11.56 -10.84 2.87
CA ALA B 299 -12.53 -11.52 2.02
C ALA B 299 -11.95 -11.73 0.64
N LEU B 300 -12.27 -12.88 0.05
CA LEU B 300 -11.88 -13.23 -1.32
C LEU B 300 -13.09 -13.15 -2.22
N TRP B 301 -12.93 -12.55 -3.40
CA TRP B 301 -14.04 -12.25 -4.30
C TRP B 301 -13.75 -12.72 -5.71
N ASP B 302 -14.82 -13.13 -6.40
CA ASP B 302 -14.77 -13.42 -7.82
C ASP B 302 -15.71 -12.45 -8.53
N LEU B 303 -15.17 -11.69 -9.49
CA LEU B 303 -15.94 -10.70 -10.22
C LEU B 303 -17.13 -11.27 -10.98
N ARG B 304 -17.12 -12.57 -11.25
CA ARG B 304 -18.23 -13.26 -11.93
C ARG B 304 -19.41 -13.60 -11.01
N ASN B 305 -19.24 -13.44 -9.70
CA ASN B 305 -20.30 -13.75 -8.75
C ASN B 305 -20.02 -13.04 -7.43
N LEU B 306 -20.17 -11.73 -7.43
CA LEU B 306 -19.84 -10.93 -6.26
C LEU B 306 -20.84 -11.03 -5.11
N LYS B 307 -22.01 -11.60 -5.38
CA LYS B 307 -23.03 -11.74 -4.34
C LYS B 307 -22.63 -12.74 -3.25
N LEU B 308 -21.64 -13.59 -3.51
CA LEU B 308 -21.19 -14.57 -2.51
C LEU B 308 -19.67 -14.54 -2.35
N LYS B 309 -19.23 -14.11 -1.17
CA LYS B 309 -17.84 -14.17 -0.76
C LYS B 309 -17.28 -15.58 -1.00
N LEU B 310 -16.11 -15.69 -1.63
CA LEU B 310 -15.53 -17.02 -1.92
C LEU B 310 -14.93 -17.66 -0.67
N HIS B 311 -14.39 -16.81 0.20
CA HIS B 311 -13.67 -17.27 1.36
C HIS B 311 -13.44 -16.11 2.29
N SER B 312 -13.30 -16.42 3.58
CA SER B 312 -12.95 -15.42 4.56
C SER B 312 -11.72 -15.91 5.34
N PHE B 313 -10.65 -15.12 5.30
CA PHE B 313 -9.41 -15.43 6.00
C PHE B 313 -9.46 -14.82 7.38
N GLU B 314 -9.39 -15.66 8.41
CA GLU B 314 -9.54 -15.24 9.79
C GLU B 314 -8.31 -15.61 10.62
N SER B 315 -7.73 -14.60 11.26
CA SER B 315 -6.60 -14.75 12.22
C SER B 315 -6.21 -13.43 12.86
N HIS B 316 -6.38 -12.33 12.13
CA HIS B 316 -6.08 -11.01 12.67
C HIS B 316 -6.96 -10.73 13.89
N LYS B 317 -6.37 -10.02 14.85
CA LYS B 317 -7.02 -9.75 16.13
C LYS B 317 -7.48 -8.31 16.21
N ASP B 318 -7.27 -7.54 15.14
CA ASP B 318 -7.71 -6.16 15.09
C ASP B 318 -7.83 -5.73 13.62
N GLU B 319 -8.13 -4.45 13.44
CA GLU B 319 -8.44 -3.86 12.15
C GLU B 319 -7.31 -4.07 11.15
N ILE B 320 -7.67 -4.53 9.94
CA ILE B 320 -6.73 -4.73 8.85
C ILE B 320 -6.69 -3.48 7.97
N PHE B 321 -5.50 -2.97 7.68
CA PHE B 321 -5.37 -1.78 6.85
C PHE B 321 -4.78 -1.99 5.46
N GLN B 322 -4.00 -3.04 5.25
CA GLN B 322 -3.43 -3.31 3.93
C GLN B 322 -3.56 -4.78 3.55
N VAL B 323 -3.86 -5.02 2.27
CA VAL B 323 -3.83 -6.37 1.70
C VAL B 323 -3.19 -6.27 0.32
N GLN B 324 -2.28 -7.20 0.01
CA GLN B 324 -1.58 -7.21 -1.27
C GLN B 324 -1.23 -8.61 -1.70
N TRP B 325 -1.55 -8.93 -2.95
CA TRP B 325 -1.18 -10.21 -3.53
C TRP B 325 0.32 -10.25 -3.82
N SER B 326 0.89 -11.45 -3.78
CA SER B 326 2.26 -11.65 -4.16
C SER B 326 2.45 -11.31 -5.63
N PRO B 327 3.57 -10.64 -5.96
CA PRO B 327 3.82 -10.34 -7.37
C PRO B 327 4.30 -11.56 -8.15
N HIS B 328 4.73 -12.62 -7.44
CA HIS B 328 5.34 -13.81 -8.06
C HIS B 328 4.47 -15.07 -8.02
N ASN B 329 3.58 -15.15 -7.04
CA ASN B 329 2.84 -16.39 -6.78
C ASN B 329 1.34 -16.15 -6.66
N GLU B 330 0.60 -16.77 -7.57
CA GLU B 330 -0.84 -16.53 -7.73
C GLU B 330 -1.71 -16.85 -6.49
N THR B 331 -1.29 -17.80 -5.66
CA THR B 331 -2.09 -18.21 -4.51
C THR B 331 -1.68 -17.55 -3.21
N ILE B 332 -0.76 -16.58 -3.27
CA ILE B 332 -0.16 -16.00 -2.07
C ILE B 332 -0.60 -14.54 -1.91
N LEU B 333 -1.06 -14.22 -0.71
CA LEU B 333 -1.62 -12.91 -0.35
C LEU B 333 -1.08 -12.55 1.02
N ALA B 334 -0.86 -11.26 1.27
CA ALA B 334 -0.52 -10.81 2.61
C ALA B 334 -1.46 -9.73 3.13
N SER B 335 -1.56 -9.63 4.45
CA SER B 335 -2.40 -8.64 5.09
C SER B 335 -1.73 -8.13 6.38
N SER B 336 -2.02 -6.88 6.73
CA SER B 336 -1.45 -6.26 7.92
C SER B 336 -2.42 -5.27 8.56
N GLY B 337 -2.11 -4.88 9.79
CA GLY B 337 -2.86 -3.82 10.44
C GLY B 337 -2.49 -3.54 11.87
N THR B 338 -3.52 -3.18 12.63
CA THR B 338 -3.40 -2.68 13.98
C THR B 338 -2.95 -3.74 15.00
N ASP B 339 -3.19 -5.01 14.70
CA ASP B 339 -2.71 -6.08 15.59
C ASP B 339 -1.18 -6.30 15.51
N ARG B 340 -0.50 -5.45 14.74
CA ARG B 340 0.97 -5.43 14.66
C ARG B 340 1.53 -6.65 13.93
N ARG B 341 0.65 -7.43 13.30
CA ARG B 341 1.03 -8.64 12.58
C ARG B 341 0.91 -8.42 11.07
N LEU B 342 1.78 -9.07 10.33
CA LEU B 342 1.63 -9.22 8.90
C LEU B 342 1.46 -10.72 8.62
N ASN B 343 0.26 -11.10 8.19
CA ASN B 343 -0.05 -12.49 7.88
C ASN B 343 0.15 -12.77 6.39
N VAL B 344 0.76 -13.91 6.09
CA VAL B 344 0.87 -14.38 4.70
C VAL B 344 -0.02 -15.61 4.54
N TRP B 345 -0.88 -15.55 3.52
CA TRP B 345 -1.90 -16.56 3.30
C TRP B 345 -1.62 -17.32 2.01
N ASP B 346 -1.91 -18.62 2.02
CA ASP B 346 -1.77 -19.46 0.82
C ASP B 346 -3.11 -20.11 0.51
N LEU B 347 -3.73 -19.65 -0.58
CA LEU B 347 -5.05 -20.11 -1.00
C LEU B 347 -5.13 -21.61 -1.32
N SER B 348 -4.01 -22.17 -1.75
CA SER B 348 -3.98 -23.58 -2.14
C SER B 348 -4.16 -24.53 -0.95
N LYS B 349 -3.95 -24.01 0.26
CA LYS B 349 -4.09 -24.81 1.48
C LYS B 349 -5.46 -24.68 2.14
N ILE B 350 -6.39 -23.97 1.50
CA ILE B 350 -7.75 -23.86 2.03
C ILE B 350 -8.36 -25.26 2.12
N GLY B 351 -8.96 -25.57 3.27
CA GLY B 351 -9.64 -26.84 3.48
C GLY B 351 -8.74 -28.04 3.76
N GLU B 352 -7.43 -27.84 3.86
CA GLU B 352 -6.48 -28.93 4.14
C GLU B 352 -6.65 -29.49 5.55
N GLU B 353 -6.19 -30.72 5.73
CA GLU B 353 -6.19 -31.38 7.03
C GLU B 353 -4.84 -31.19 7.71
N ALA B 359 -3.31 -26.56 13.88
CA ALA B 359 -4.67 -26.74 14.38
C ALA B 359 -5.04 -25.57 15.28
N GLU B 360 -4.24 -25.36 16.33
CA GLU B 360 -4.42 -24.23 17.25
C GLU B 360 -3.59 -23.00 16.84
N ASP B 361 -2.65 -23.20 15.92
CA ASP B 361 -1.78 -22.11 15.44
C ASP B 361 -2.51 -21.16 14.48
N GLY B 362 -3.60 -21.66 13.88
CA GLY B 362 -4.38 -20.91 12.89
C GLY B 362 -4.90 -21.85 11.84
N PRO B 363 -5.61 -21.31 10.84
CA PRO B 363 -6.13 -22.16 9.78
C PRO B 363 -5.02 -22.64 8.85
N PRO B 364 -5.29 -23.70 8.06
CA PRO B 364 -4.24 -24.26 7.19
C PRO B 364 -3.74 -23.27 6.13
N GLU B 365 -4.62 -22.39 5.66
CA GLU B 365 -4.25 -21.36 4.66
C GLU B 365 -3.41 -20.22 5.24
N LEU B 366 -3.21 -20.17 6.55
CA LEU B 366 -2.25 -19.22 7.13
C LEU B 366 -0.82 -19.78 7.02
N LEU B 367 -0.06 -19.26 6.08
CA LEU B 367 1.31 -19.73 5.81
C LEU B 367 2.34 -19.25 6.83
N PHE B 368 2.26 -17.97 7.21
CA PHE B 368 3.29 -17.31 7.98
C PHE B 368 2.70 -16.14 8.74
N ILE B 369 3.17 -15.96 9.96
CA ILE B 369 2.82 -14.77 10.74
C ILE B 369 4.13 -14.06 11.01
N HIS B 370 4.27 -12.85 10.48
CA HIS B 370 5.45 -12.03 10.77
C HIS B 370 5.16 -11.24 12.04
N GLY B 371 5.92 -11.51 13.09
CA GLY B 371 5.77 -10.85 14.39
C GLY B 371 6.88 -9.90 14.76
N GLY B 372 7.62 -9.41 13.75
CA GLY B 372 8.75 -8.54 13.99
C GLY B 372 8.38 -7.14 14.46
N HIS B 373 7.16 -6.70 14.21
CA HIS B 373 6.75 -5.34 14.59
C HIS B 373 6.08 -5.34 15.94
N THR B 374 6.37 -4.32 16.73
CA THR B 374 5.76 -4.15 18.06
C THR B 374 4.88 -2.90 18.10
N ALA B 375 4.49 -2.43 16.92
CA ALA B 375 3.54 -1.33 16.77
C ALA B 375 2.70 -1.57 15.52
N LYS B 376 1.59 -0.83 15.42
CA LYS B 376 0.70 -0.92 14.27
C LYS B 376 1.51 -0.81 12.97
N ILE B 377 1.25 -1.72 12.03
CA ILE B 377 1.87 -1.66 10.71
C ILE B 377 1.06 -0.73 9.79
N SER B 378 1.74 0.26 9.22
CA SER B 378 1.09 1.27 8.39
C SER B 378 0.98 0.85 6.92
N ASP B 379 2.00 0.19 6.40
CA ASP B 379 2.01 -0.23 4.99
C ASP B 379 3.06 -1.30 4.80
N PHE B 380 2.95 -2.01 3.69
CA PHE B 380 3.99 -2.94 3.28
C PHE B 380 3.98 -3.12 1.78
N SER B 381 5.08 -3.64 1.24
CA SER B 381 5.24 -3.83 -0.20
C SER B 381 6.09 -5.08 -0.46
N TRP B 382 5.59 -5.95 -1.34
CA TRP B 382 6.33 -7.11 -1.82
C TRP B 382 7.40 -6.65 -2.82
N ASN B 383 8.62 -7.09 -2.64
CA ASN B 383 9.71 -6.72 -3.57
C ASN B 383 9.44 -7.40 -4.91
N PRO B 384 9.40 -6.60 -6.00
CA PRO B 384 9.04 -7.17 -7.30
C PRO B 384 10.16 -7.95 -8.00
N ASN B 385 11.41 -7.74 -7.56
CA ASN B 385 12.57 -8.38 -8.16
C ASN B 385 13.17 -9.56 -7.37
N GLU B 386 12.82 -9.68 -6.10
CA GLU B 386 13.35 -10.74 -5.23
C GLU B 386 12.18 -11.44 -4.56
N PRO B 387 11.82 -12.63 -5.07
CA PRO B 387 10.69 -13.36 -4.51
C PRO B 387 10.74 -13.49 -2.99
N TRP B 388 9.57 -13.26 -2.38
CA TRP B 388 9.35 -13.42 -0.94
C TRP B 388 9.96 -12.35 -0.04
N VAL B 389 10.63 -11.35 -0.61
CA VAL B 389 11.12 -10.24 0.20
C VAL B 389 10.00 -9.21 0.38
N ILE B 390 9.80 -8.78 1.62
CA ILE B 390 8.80 -7.76 1.96
C ILE B 390 9.43 -6.64 2.75
N CYS B 391 8.97 -5.41 2.46
CA CYS B 391 9.28 -4.28 3.31
C CYS B 391 7.99 -3.90 4.04
N SER B 392 8.04 -3.82 5.37
CA SER B 392 6.90 -3.38 6.15
C SER B 392 7.34 -2.27 7.10
N VAL B 393 6.45 -1.30 7.32
CA VAL B 393 6.73 -0.13 8.14
C VAL B 393 5.66 0.06 9.20
N SER B 394 6.11 0.37 10.41
CA SER B 394 5.21 0.55 11.56
C SER B 394 5.30 1.94 12.19
N GLU B 395 4.28 2.26 12.98
CA GLU B 395 4.11 3.60 13.56
C GLU B 395 5.19 4.02 14.56
N ASP B 396 6.02 3.08 15.00
CA ASP B 396 7.13 3.35 15.91
C ASP B 396 8.46 3.64 15.20
N ASN B 397 8.40 3.94 13.90
CA ASN B 397 9.56 4.34 13.07
C ASN B 397 10.30 3.17 12.44
N ILE B 398 9.91 1.94 12.78
CA ILE B 398 10.64 0.78 12.32
C ILE B 398 10.25 0.42 10.89
N MET B 399 11.26 0.16 10.08
CA MET B 399 11.10 -0.44 8.78
C MET B 399 11.82 -1.78 8.83
N GLN B 400 11.13 -2.82 8.39
CA GLN B 400 11.75 -4.14 8.30
C GLN B 400 11.73 -4.62 6.87
N VAL B 401 12.87 -5.11 6.42
CA VAL B 401 13.00 -5.81 5.15
C VAL B 401 13.33 -7.27 5.48
N TRP B 402 12.43 -8.17 5.09
CA TRP B 402 12.54 -9.55 5.52
C TRP B 402 12.05 -10.55 4.48
N GLN B 403 12.42 -11.80 4.72
CA GLN B 403 12.09 -12.90 3.83
C GLN B 403 11.97 -14.12 4.71
N MET B 404 10.80 -14.75 4.72
CA MET B 404 10.62 -15.99 5.48
C MET B 404 11.53 -17.08 4.95
N ALA B 405 11.73 -18.11 5.77
CA ALA B 405 12.59 -19.23 5.41
C ALA B 405 12.07 -19.98 4.17
N GLU B 406 13.00 -20.33 3.28
CA GLU B 406 12.68 -21.07 2.07
C GLU B 406 11.89 -22.35 2.35
N ASN B 407 12.24 -23.05 3.43
CA ASN B 407 11.53 -24.29 3.77
C ASN B 407 10.05 -24.08 4.13
N ILE B 408 9.67 -22.85 4.49
CA ILE B 408 8.27 -22.59 4.84
C ILE B 408 7.36 -22.56 3.59
N TYR B 409 7.80 -21.92 2.52
CA TYR B 409 7.01 -21.88 1.27
C TYR B 409 7.39 -22.98 0.26
N ASN B 410 8.41 -23.78 0.60
CA ASN B 410 8.92 -24.87 -0.25
C ASN B 410 9.51 -24.37 -1.55
C1 GOL C . -24.57 2.14 -13.53
O1 GOL C . -25.54 1.26 -14.11
C2 GOL C . -23.38 2.25 -14.46
O2 GOL C . -22.40 3.12 -13.87
C3 GOL C . -22.83 0.85 -14.78
O3 GOL C . -21.41 0.80 -14.89
#